data_7NZN
#
_entry.id   7NZN
#
_cell.length_a   72.910
_cell.length_b   71.090
_cell.length_c   80.180
_cell.angle_alpha   90.000
_cell.angle_beta   101.580
_cell.angle_gamma   90.000
#
_symmetry.space_group_name_H-M   'C 1 2 1'
#
loop_
_entity.id
_entity.type
_entity.pdbx_description
1 polymer 'Proto-oncogene tyrosine-protein kinase receptor Ret'
2 non-polymer 2-[4-[[4-[1-[2-(dimethylamino)ethyl]pyrazol-4-yl]-6-[(3-methyl-1~{H}-pyrazol-5-yl)amino]pyrimidin-2-yl]amino]phenyl]-~{N}-(3-fluorophenyl)ethanamide
3 non-polymer 'FORMIC ACID'
4 water water
#
_entity_poly.entity_id   1
_entity_poly.type   'polypeptide(L)'
_entity_poly.pdbx_seq_one_letter_code
;GPLSLSVDAFKILEDPKWEFPRKNLVLGKTLGEGEFGKVVKATAFHLKGRAGYTTVAVKMLKENASPSELRDLLSEFNVL
KQVNHPHVIKLYGACSQDGPLLLIVEYAKYGSLRGFLRESRKVGPGYLGSGGSRNSSSLDHPDERALTMGDLISFAWQIS
QGMQYLAEMKLVHRDLAARNILVAEGRKMKISDFGLSRDV(PTR)EEDS(PTR)VKRSQGRIPVKWMAIESLFDHIYTTQ
SDVWSFGVLLWEIVTLGGNPYPGIPPERLFNLLKTGHRMERPDNCSEEMYRLMLQCWKQEPDKRPVFADISKDLEKMMVK
RR
;
_entity_poly.pdbx_strand_id   A
#
loop_
_chem_comp.id
_chem_comp.type
_chem_comp.name
_chem_comp.formula
FMT non-polymer 'FORMIC ACID' 'C H2 O2'
VJH non-polymer 2-[4-[[4-[1-[2-(dimethylamino)ethyl]pyrazol-4-yl]-6-[(3-methyl-1~{H}-pyrazol-5-yl)amino]pyrimidin-2-yl]amino]phenyl]-~{N}-(3-fluorophenyl)ethanamide 'C29 H31 F N10 O'
#
# COMPACT_ATOMS: atom_id res chain seq x y z
N GLY A 1 -2.91 -28.92 -4.61
CA GLY A 1 -2.07 -28.15 -3.71
C GLY A 1 -2.77 -26.92 -3.15
N PRO A 2 -2.02 -26.09 -2.42
CA PRO A 2 -2.65 -24.95 -1.72
C PRO A 2 -3.54 -24.07 -2.60
N LEU A 3 -3.08 -23.72 -3.81
CA LEU A 3 -3.86 -22.78 -4.61
C LEU A 3 -5.12 -23.43 -5.17
N SER A 4 -5.02 -24.71 -5.57
CA SER A 4 -6.20 -25.38 -6.12
C SER A 4 -7.32 -25.49 -5.11
N LEU A 5 -6.97 -25.56 -3.81
CA LEU A 5 -7.99 -25.62 -2.78
C LEU A 5 -8.64 -24.25 -2.55
N SER A 6 -7.87 -23.17 -2.64
CA SER A 6 -8.44 -21.84 -2.48
C SER A 6 -9.39 -21.51 -3.62
N VAL A 7 -8.98 -21.79 -4.86
CA VAL A 7 -9.82 -21.48 -6.01
C VAL A 7 -11.16 -22.19 -5.90
N ASP A 8 -11.14 -23.47 -5.57
CA ASP A 8 -12.39 -24.21 -5.42
C ASP A 8 -13.21 -23.67 -4.26
N ALA A 9 -12.56 -23.18 -3.21
CA ALA A 9 -13.30 -22.61 -2.09
C ALA A 9 -14.04 -21.34 -2.51
N PHE A 10 -13.45 -20.56 -3.43
CA PHE A 10 -14.12 -19.37 -3.92
C PHE A 10 -15.44 -19.72 -4.58
N LYS A 11 -15.43 -20.71 -5.48
CA LYS A 11 -16.65 -21.15 -6.15
C LYS A 11 -17.57 -21.85 -5.16
N ILE A 12 -18.06 -21.12 -4.16
CA ILE A 12 -18.94 -21.68 -3.15
C ILE A 12 -19.37 -20.58 -2.18
N ASP A 15 -20.15 -17.27 -0.04
CA ASP A 15 -19.88 -15.84 -0.03
C ASP A 15 -20.76 -15.11 -1.05
N PRO A 16 -22.07 -15.00 -0.75
CA PRO A 16 -22.97 -14.29 -1.66
C PRO A 16 -22.99 -12.78 -1.45
N LYS A 17 -22.63 -12.31 -0.26
CA LYS A 17 -22.68 -10.87 0.02
C LYS A 17 -21.70 -10.07 -0.83
N TRP A 18 -20.80 -10.74 -1.56
CA TRP A 18 -19.81 -10.06 -2.38
C TRP A 18 -19.94 -10.36 -3.86
N GLU A 19 -20.83 -11.27 -4.26
CA GLU A 19 -20.99 -11.62 -5.67
C GLU A 19 -21.77 -10.54 -6.40
N PHE A 20 -21.29 -10.18 -7.59
CA PHE A 20 -21.87 -9.13 -8.40
C PHE A 20 -22.08 -9.66 -9.81
N PRO A 21 -23.24 -9.42 -10.42
CA PRO A 21 -23.48 -9.95 -11.78
C PRO A 21 -22.60 -9.26 -12.81
N ARG A 22 -22.14 -10.05 -13.79
CA ARG A 22 -21.21 -9.53 -14.78
C ARG A 22 -21.91 -8.63 -15.79
N LYS A 23 -23.17 -8.93 -16.13
CA LYS A 23 -23.87 -8.14 -17.13
C LYS A 23 -24.00 -6.68 -16.71
N ASN A 24 -23.88 -6.37 -15.43
CA ASN A 24 -23.97 -5.01 -14.93
C ASN A 24 -22.62 -4.32 -14.84
N LEU A 25 -21.57 -4.92 -15.40
CA LEU A 25 -20.22 -4.38 -15.34
C LEU A 25 -19.78 -4.00 -16.75
N VAL A 26 -19.25 -2.79 -16.89
CA VAL A 26 -18.77 -2.27 -18.17
C VAL A 26 -17.35 -1.78 -17.98
N LEU A 27 -16.40 -2.40 -18.67
CA LEU A 27 -14.99 -2.08 -18.53
C LEU A 27 -14.60 -0.94 -19.47
N GLY A 28 -13.55 -0.22 -19.09
CA GLY A 28 -13.08 0.94 -19.83
C GLY A 28 -11.59 0.88 -20.08
N LYS A 29 -10.95 2.04 -19.95
CA LYS A 29 -9.54 2.17 -20.27
C LYS A 29 -8.67 1.54 -19.19
N THR A 30 -7.45 1.17 -19.58
CA THR A 30 -6.48 0.61 -18.65
C THR A 30 -5.77 1.75 -17.92
N LEU A 31 -5.97 1.83 -16.62
CA LEU A 31 -5.31 2.87 -15.83
C LEU A 31 -3.83 2.58 -15.63
N GLY A 32 -3.45 1.30 -15.58
CA GLY A 32 -2.07 0.94 -15.36
C GLY A 32 -1.92 -0.53 -15.10
N GLU A 33 -0.67 -0.95 -14.93
CA GLU A 33 -0.31 -2.34 -14.69
C GLU A 33 -0.03 -2.54 -13.20
N GLY A 34 -0.80 -3.41 -12.57
CA GLY A 34 -0.66 -3.68 -11.15
C GLY A 34 0.35 -4.78 -10.87
N GLU A 35 0.40 -5.18 -9.60
CA GLU A 35 1.39 -6.18 -9.18
C GLU A 35 1.07 -7.55 -9.75
N PHE A 36 -0.19 -7.97 -9.68
CA PHE A 36 -0.61 -9.27 -10.19
C PHE A 36 -1.39 -9.17 -11.51
N GLY A 37 -1.50 -7.98 -12.09
CA GLY A 37 -2.22 -7.83 -13.33
C GLY A 37 -2.39 -6.38 -13.76
N LYS A 38 -3.57 -6.05 -14.27
CA LYS A 38 -3.85 -4.71 -14.76
C LYS A 38 -5.05 -4.12 -14.03
N VAL A 39 -5.02 -2.80 -13.84
CA VAL A 39 -6.11 -2.05 -13.25
C VAL A 39 -6.87 -1.36 -14.38
N VAL A 40 -8.20 -1.44 -14.32
CA VAL A 40 -9.06 -0.94 -15.40
C VAL A 40 -10.15 -0.05 -14.81
N LYS A 41 -10.42 1.06 -15.48
CA LYS A 41 -11.52 1.94 -15.11
C LYS A 41 -12.82 1.38 -15.67
N ALA A 42 -13.85 1.31 -14.84
CA ALA A 42 -15.10 0.69 -15.21
C ALA A 42 -16.26 1.46 -14.58
N THR A 43 -17.48 1.00 -14.86
CA THR A 43 -18.68 1.54 -14.25
C THR A 43 -19.62 0.38 -13.95
N ALA A 44 -20.26 0.42 -12.78
CA ALA A 44 -21.13 -0.64 -12.31
C ALA A 44 -22.55 -0.12 -12.18
N PHE A 45 -23.52 -0.93 -12.58
CA PHE A 45 -24.93 -0.58 -12.51
C PHE A 45 -25.56 -1.23 -11.28
N HIS A 46 -26.28 -0.43 -10.50
CA HIS A 46 -26.97 -0.89 -9.29
C HIS A 46 -26.01 -1.66 -8.38
N LEU A 47 -24.95 -0.98 -7.98
CA LEU A 47 -23.92 -1.57 -7.14
C LEU A 47 -24.20 -1.21 -5.69
N LYS A 48 -24.30 -2.23 -4.84
CA LYS A 48 -24.49 -2.05 -3.39
C LYS A 48 -25.67 -1.13 -3.12
N GLY A 49 -26.79 -1.41 -3.78
CA GLY A 49 -28.00 -0.64 -3.59
C GLY A 49 -27.93 0.80 -4.07
N ARG A 50 -26.87 1.18 -4.77
CA ARG A 50 -26.73 2.54 -5.31
C ARG A 50 -27.35 2.56 -6.70
N ALA A 51 -28.55 3.14 -6.81
CA ALA A 51 -29.25 3.19 -8.08
C ALA A 51 -28.39 3.90 -9.13
N GLY A 52 -28.51 3.44 -10.37
CA GLY A 52 -27.76 4.03 -11.46
C GLY A 52 -26.35 3.49 -11.54
N TYR A 53 -25.57 4.11 -12.42
CA TYR A 53 -24.19 3.71 -12.63
C TYR A 53 -23.28 4.36 -11.59
N THR A 54 -22.21 3.64 -11.23
CA THR A 54 -21.19 4.14 -10.33
C THR A 54 -19.82 3.84 -10.93
N THR A 55 -18.94 4.84 -10.94
CA THR A 55 -17.59 4.65 -11.45
C THR A 55 -16.76 3.88 -10.44
N VAL A 56 -15.95 2.96 -10.94
CA VAL A 56 -15.17 2.03 -10.11
C VAL A 56 -13.90 1.66 -10.84
N ALA A 57 -13.01 0.96 -10.13
CA ALA A 57 -11.80 0.41 -10.70
C ALA A 57 -11.83 -1.11 -10.56
N VAL A 58 -11.32 -1.80 -11.58
CA VAL A 58 -11.34 -3.26 -11.63
C VAL A 58 -9.92 -3.77 -11.67
N LYS A 59 -9.58 -4.66 -10.73
CA LYS A 59 -8.30 -5.35 -10.70
C LYS A 59 -8.50 -6.75 -11.24
N MET A 60 -7.71 -7.11 -12.27
CA MET A 60 -7.88 -8.39 -12.94
C MET A 60 -6.51 -8.92 -13.35
N LEU A 61 -6.49 -10.21 -13.71
CA LEU A 61 -5.28 -10.85 -14.17
C LEU A 61 -5.02 -10.50 -15.63
N LYS A 62 -3.76 -10.26 -15.96
CA LYS A 62 -3.38 -9.97 -17.33
C LYS A 62 -3.08 -11.27 -18.07
N GLU A 63 -2.63 -11.16 -19.31
CA GLU A 63 -2.35 -12.33 -20.13
C GLU A 63 -1.14 -13.08 -19.59
N ASN A 64 -1.26 -14.42 -19.54
CA ASN A 64 -0.17 -15.29 -19.10
C ASN A 64 0.08 -15.16 -17.60
N ALA A 65 -1.00 -15.21 -16.83
CA ALA A 65 -0.89 -15.10 -15.38
C ALA A 65 -0.31 -16.38 -14.78
N SER A 66 0.57 -16.22 -13.81
CA SER A 66 1.21 -17.32 -13.12
C SER A 66 0.49 -17.65 -11.82
N PRO A 67 0.78 -18.79 -11.21
CA PRO A 67 0.11 -19.13 -9.95
C PRO A 67 0.30 -18.11 -8.85
N SER A 68 1.49 -17.51 -8.74
CA SER A 68 1.72 -16.52 -7.70
C SER A 68 0.81 -15.30 -7.88
N GLU A 69 0.59 -14.89 -9.14
CA GLU A 69 -0.29 -13.76 -9.38
C GLU A 69 -1.73 -14.09 -9.05
N LEU A 70 -2.17 -15.32 -9.34
CA LEU A 70 -3.51 -15.75 -8.98
C LEU A 70 -3.67 -15.80 -7.46
N ARG A 71 -2.69 -16.39 -6.77
CA ARG A 71 -2.74 -16.43 -5.31
C ARG A 71 -2.79 -15.02 -4.72
N ASP A 72 -2.03 -14.08 -5.30
CA ASP A 72 -2.02 -12.72 -4.79
C ASP A 72 -3.37 -12.02 -5.01
N LEU A 73 -4.06 -12.32 -6.11
CA LEU A 73 -5.38 -11.75 -6.32
C LEU A 73 -6.38 -12.27 -5.29
N LEU A 74 -6.28 -13.56 -4.94
CA LEU A 74 -7.19 -14.12 -3.95
C LEU A 74 -6.87 -13.62 -2.55
N SER A 75 -5.60 -13.32 -2.27
CA SER A 75 -5.23 -12.81 -0.95
C SER A 75 -5.81 -11.41 -0.73
N GLU A 76 -5.63 -10.52 -1.71
CA GLU A 76 -6.17 -9.17 -1.57
C GLU A 76 -7.68 -9.19 -1.37
N PHE A 77 -8.39 -10.06 -2.09
CA PHE A 77 -9.83 -10.17 -1.90
C PHE A 77 -10.18 -10.62 -0.49
N ASN A 78 -9.31 -11.43 0.13
CA ASN A 78 -9.61 -11.92 1.47
C ASN A 78 -9.34 -10.88 2.54
N VAL A 79 -8.37 -10.00 2.31
CA VAL A 79 -8.05 -8.96 3.29
C VAL A 79 -9.04 -7.80 3.20
N LEU A 80 -9.34 -7.35 1.97
CA LEU A 80 -10.18 -6.17 1.82
C LEU A 80 -11.57 -6.37 2.39
N LYS A 81 -12.10 -7.60 2.34
CA LYS A 81 -13.43 -7.85 2.86
C LYS A 81 -13.46 -7.96 4.39
N GLN A 82 -12.36 -7.62 5.06
CA GLN A 82 -12.29 -7.62 6.51
C GLN A 82 -12.03 -6.26 7.10
N VAL A 83 -11.40 -5.35 6.37
CA VAL A 83 -11.00 -4.05 6.89
C VAL A 83 -12.03 -3.01 6.49
N ASN A 84 -12.10 -1.94 7.28
CA ASN A 84 -13.01 -0.83 6.99
C ASN A 84 -12.49 0.40 7.73
N HIS A 85 -12.04 1.40 6.99
CA HIS A 85 -11.45 2.59 7.57
C HIS A 85 -11.45 3.70 6.52
N PRO A 86 -11.63 4.96 6.92
CA PRO A 86 -11.72 6.03 5.91
C PRO A 86 -10.48 6.16 5.05
N HIS A 87 -9.32 5.66 5.49
CA HIS A 87 -8.07 5.80 4.76
C HIS A 87 -7.57 4.47 4.19
N VAL A 88 -8.49 3.56 3.89
CA VAL A 88 -8.15 2.28 3.26
C VAL A 88 -9.15 2.04 2.14
N ILE A 89 -8.65 1.61 0.98
CA ILE A 89 -9.50 1.46 -0.19
C ILE A 89 -10.67 0.54 0.13
N LYS A 90 -11.84 0.89 -0.37
CA LYS A 90 -13.06 0.13 -0.11
C LYS A 90 -13.29 -0.89 -1.20
N LEU A 91 -13.78 -2.06 -0.81
CA LEU A 91 -14.15 -3.13 -1.72
C LEU A 91 -15.67 -3.14 -1.90
N TYR A 92 -16.11 -3.45 -3.12
CA TYR A 92 -17.55 -3.52 -3.42
C TYR A 92 -18.01 -4.93 -3.78
N GLY A 93 -17.22 -5.68 -4.52
CA GLY A 93 -17.64 -7.02 -4.90
C GLY A 93 -16.63 -7.69 -5.80
N ALA A 94 -17.09 -8.73 -6.48
CA ALA A 94 -16.22 -9.53 -7.35
C ALA A 94 -17.08 -10.31 -8.33
N CYS A 95 -16.47 -10.64 -9.47
CA CYS A 95 -17.10 -11.43 -10.52
C CYS A 95 -16.32 -12.73 -10.66
N SER A 96 -16.92 -13.86 -10.26
CA SER A 96 -16.24 -15.14 -10.27
C SER A 96 -16.82 -16.14 -11.26
N GLN A 97 -18.05 -15.95 -11.71
CA GLN A 97 -18.71 -16.88 -12.61
C GLN A 97 -18.91 -16.26 -13.99
N ASP A 98 -18.91 -17.11 -15.02
CA ASP A 98 -19.20 -16.70 -16.39
C ASP A 98 -18.17 -15.70 -16.90
N GLY A 99 -16.90 -15.95 -16.62
CA GLY A 99 -15.84 -15.10 -17.09
C GLY A 99 -14.66 -15.04 -16.14
N PRO A 100 -13.67 -14.22 -16.48
CA PRO A 100 -12.45 -14.16 -15.65
C PRO A 100 -12.74 -13.59 -14.27
N LEU A 101 -11.71 -13.64 -13.43
CA LEU A 101 -11.81 -13.22 -12.04
C LEU A 101 -11.57 -11.72 -11.95
N LEU A 102 -12.53 -10.99 -11.37
CA LEU A 102 -12.47 -9.54 -11.26
C LEU A 102 -12.73 -9.11 -9.83
N LEU A 103 -11.99 -8.11 -9.38
CA LEU A 103 -12.23 -7.45 -8.10
C LEU A 103 -12.68 -6.03 -8.36
N ILE A 104 -13.78 -5.62 -7.73
CA ILE A 104 -14.37 -4.30 -7.90
C ILE A 104 -14.07 -3.49 -6.65
N VAL A 105 -13.31 -2.40 -6.80
CA VAL A 105 -12.85 -1.60 -5.69
C VAL A 105 -13.17 -0.13 -5.97
N GLU A 106 -12.80 0.72 -5.02
CA GLU A 106 -13.09 2.15 -5.11
C GLU A 106 -12.19 2.82 -6.13
N TYR A 107 -12.73 3.84 -6.80
CA TYR A 107 -11.99 4.62 -7.77
C TYR A 107 -11.52 5.92 -7.12
N ALA A 108 -10.26 6.27 -7.34
CA ALA A 108 -9.64 7.45 -6.77
C ALA A 108 -9.37 8.43 -7.90
N LYS A 109 -9.93 9.63 -7.78
CA LYS A 109 -9.87 10.61 -8.86
C LYS A 109 -8.43 10.86 -9.31
N TYR A 110 -7.55 11.20 -8.37
CA TYR A 110 -6.22 11.70 -8.71
C TYR A 110 -5.18 10.61 -8.90
N GLY A 111 -5.52 9.35 -8.65
CA GLY A 111 -4.58 8.27 -8.88
C GLY A 111 -3.61 8.07 -7.73
N SER A 112 -2.46 7.48 -8.07
CA SER A 112 -1.47 7.14 -7.06
C SER A 112 -0.82 8.39 -6.49
N LEU A 113 -0.29 8.25 -5.27
CA LEU A 113 0.37 9.36 -4.60
C LEU A 113 1.66 9.76 -5.32
N ARG A 114 2.37 8.79 -5.90
CA ARG A 114 3.62 9.10 -6.59
C ARG A 114 3.36 9.96 -7.83
N GLY A 115 2.45 9.51 -8.70
CA GLY A 115 2.12 10.29 -9.87
C GLY A 115 1.53 11.64 -9.52
N PHE A 116 0.73 11.69 -8.45
CA PHE A 116 0.16 12.96 -8.02
C PHE A 116 1.25 13.95 -7.60
N LEU A 117 2.33 13.45 -6.99
CA LEU A 117 3.40 14.33 -6.52
C LEU A 117 4.32 14.74 -7.65
N ARG A 118 4.70 13.80 -8.53
CA ARG A 118 5.59 14.15 -9.63
C ARG A 118 4.97 15.18 -10.57
N GLU A 119 3.65 15.30 -10.59
CA GLU A 119 2.95 16.29 -11.40
C GLU A 119 2.59 17.53 -10.59
N SER A 120 3.47 17.92 -9.65
CA SER A 120 3.19 19.05 -8.77
C SER A 120 4.50 19.78 -8.50
N ARG A 121 4.43 20.79 -7.64
CA ARG A 121 5.61 21.58 -7.28
C ARG A 121 5.53 22.03 -5.82
N ARG A 145 0.62 22.25 -9.96
CA ARG A 145 -0.07 22.04 -8.69
C ARG A 145 0.70 22.70 -7.54
N ALA A 146 -0.02 23.42 -6.70
CA ALA A 146 0.57 24.15 -5.58
C ALA A 146 0.42 23.30 -4.32
N LEU A 147 1.54 22.86 -3.77
CA LEU A 147 1.56 22.07 -2.54
C LEU A 147 2.55 22.69 -1.57
N THR A 148 2.11 22.89 -0.33
CA THR A 148 2.94 23.44 0.73
C THR A 148 3.44 22.32 1.63
N MET A 149 4.27 22.69 2.61
CA MET A 149 4.81 21.68 3.53
C MET A 149 3.73 21.15 4.46
N GLY A 150 2.72 21.96 4.77
CA GLY A 150 1.65 21.50 5.65
C GLY A 150 0.84 20.39 5.02
N ASP A 151 0.46 20.55 3.75
CA ASP A 151 -0.31 19.52 3.07
C ASP A 151 0.48 18.22 2.97
N LEU A 152 1.80 18.32 2.82
CA LEU A 152 2.63 17.11 2.82
C LEU A 152 2.57 16.41 4.17
N ILE A 153 2.46 17.19 5.25
CA ILE A 153 2.38 16.59 6.59
C ILE A 153 1.00 15.97 6.80
N SER A 154 -0.05 16.61 6.28
CA SER A 154 -1.39 16.05 6.41
C SER A 154 -1.49 14.71 5.69
N PHE A 155 -0.84 14.57 4.54
CA PHE A 155 -0.89 13.32 3.80
C PHE A 155 -0.26 12.18 4.59
N ALA A 156 0.92 12.42 5.16
CA ALA A 156 1.58 11.40 5.95
C ALA A 156 0.77 11.01 7.18
N TRP A 157 0.07 12.00 7.78
CA TRP A 157 -0.71 11.72 8.99
C TRP A 157 -1.84 10.74 8.69
N GLN A 158 -2.58 10.97 7.61
CA GLN A 158 -3.64 10.05 7.23
C GLN A 158 -3.09 8.64 7.03
N ILE A 159 -1.95 8.53 6.35
CA ILE A 159 -1.37 7.22 6.09
C ILE A 159 -1.00 6.53 7.40
N SER A 160 -0.56 7.29 8.40
CA SER A 160 -0.27 6.70 9.70
C SER A 160 -1.55 6.30 10.43
N GLN A 161 -2.62 7.09 10.26
CA GLN A 161 -3.90 6.70 10.84
C GLN A 161 -4.39 5.37 10.28
N GLY A 162 -4.16 5.14 8.98
CA GLY A 162 -4.58 3.88 8.38
C GLY A 162 -3.71 2.72 8.79
N MET A 163 -2.39 2.91 8.80
CA MET A 163 -1.49 1.84 9.24
C MET A 163 -1.70 1.52 10.72
N GLN A 164 -2.06 2.52 11.52
CA GLN A 164 -2.38 2.26 12.92
C GLN A 164 -3.59 1.34 13.04
N TYR A 165 -4.54 1.46 12.12
CA TYR A 165 -5.74 0.62 12.15
C TYR A 165 -5.43 -0.80 11.65
N LEU A 166 -4.57 -0.92 10.64
CA LEU A 166 -4.22 -2.25 10.12
C LEU A 166 -3.38 -3.02 11.13
N ALA A 167 -2.50 -2.33 11.85
CA ALA A 167 -1.70 -2.99 12.88
C ALA A 167 -2.57 -3.53 14.00
N GLU A 168 -3.61 -2.77 14.38
CA GLU A 168 -4.53 -3.22 15.41
C GLU A 168 -5.35 -4.43 14.95
N MET A 169 -5.49 -4.61 13.64
CA MET A 169 -6.10 -5.81 13.08
C MET A 169 -5.10 -6.94 12.87
N LYS A 170 -3.84 -6.74 13.26
CA LYS A 170 -2.79 -7.75 13.12
C LYS A 170 -2.54 -8.08 11.66
N LEU A 171 -2.21 -7.05 10.89
CA LEU A 171 -1.89 -7.17 9.48
C LEU A 171 -0.60 -6.44 9.18
N VAL A 172 0.21 -7.01 8.29
CA VAL A 172 1.43 -6.40 7.80
C VAL A 172 1.25 -6.14 6.31
N HIS A 173 1.40 -4.88 5.90
CA HIS A 173 1.21 -4.53 4.50
C HIS A 173 2.38 -5.04 3.65
N ARG A 174 3.61 -4.80 4.12
CA ARG A 174 4.83 -5.33 3.51
C ARG A 174 5.22 -4.60 2.21
N ASP A 175 4.28 -3.89 1.59
CA ASP A 175 4.57 -3.15 0.35
C ASP A 175 4.01 -1.74 0.47
N LEU A 176 4.52 -1.00 1.46
CA LEU A 176 4.09 0.37 1.72
C LEU A 176 5.01 1.32 0.97
N ALA A 177 4.46 2.01 -0.03
CA ALA A 177 5.22 2.95 -0.83
C ALA A 177 4.25 3.95 -1.47
N ALA A 178 4.82 4.96 -2.13
CA ALA A 178 4.00 6.03 -2.69
C ALA A 178 3.10 5.52 -3.80
N ARG A 179 3.58 4.57 -4.61
CA ARG A 179 2.78 4.04 -5.70
C ARG A 179 1.61 3.20 -5.21
N ASN A 180 1.67 2.71 -3.97
CA ASN A 180 0.61 1.90 -3.38
C ASN A 180 -0.36 2.72 -2.55
N ILE A 181 -0.28 4.05 -2.63
CA ILE A 181 -1.22 4.95 -1.98
C ILE A 181 -2.05 5.63 -3.06
N LEU A 182 -3.33 5.81 -2.79
CA LEU A 182 -4.25 6.44 -3.73
C LEU A 182 -4.77 7.74 -3.16
N VAL A 183 -5.01 8.71 -4.05
CA VAL A 183 -5.49 10.04 -3.67
C VAL A 183 -6.89 10.20 -4.23
N ALA A 184 -7.86 10.36 -3.33
CA ALA A 184 -9.28 10.45 -3.69
C ALA A 184 -9.74 11.90 -3.57
N GLU A 185 -11.04 12.10 -3.82
CA GLU A 185 -11.65 13.43 -3.72
C GLU A 185 -11.30 14.07 -2.39
N GLY A 186 -10.95 15.35 -2.44
CA GLY A 186 -10.56 16.08 -1.25
C GLY A 186 -9.14 15.83 -0.80
N ARG A 187 -8.31 15.22 -1.64
CA ARG A 187 -6.94 14.89 -1.28
C ARG A 187 -6.90 14.08 0.01
N LYS A 188 -7.69 13.02 0.03
CA LYS A 188 -7.75 12.08 1.15
C LYS A 188 -7.01 10.81 0.76
N MET A 189 -6.02 10.44 1.56
CA MET A 189 -5.20 9.27 1.24
C MET A 189 -5.97 7.97 1.44
N LYS A 190 -5.65 6.98 0.63
CA LYS A 190 -6.23 5.64 0.73
C LYS A 190 -5.11 4.61 0.52
N ILE A 191 -4.90 3.77 1.53
CA ILE A 191 -3.93 2.69 1.39
C ILE A 191 -4.53 1.60 0.50
N SER A 192 -3.75 1.15 -0.49
CA SER A 192 -4.24 0.18 -1.46
C SER A 192 -3.21 -0.93 -1.70
N ASP A 193 -3.48 -1.77 -2.70
CA ASP A 193 -2.56 -2.84 -3.09
C ASP A 193 -2.24 -3.75 -1.92
N PHE A 194 -3.19 -4.63 -1.57
CA PHE A 194 -3.05 -5.54 -0.44
C PHE A 194 -2.64 -6.94 -0.87
N GLY A 195 -2.14 -7.10 -2.10
CA GLY A 195 -1.83 -8.44 -2.60
C GLY A 195 -0.81 -9.16 -1.74
N LEU A 196 0.18 -8.43 -1.22
CA LEU A 196 1.27 -9.02 -0.46
C LEU A 196 1.04 -8.95 1.05
N SER A 197 -0.14 -8.50 1.49
CA SER A 197 -0.42 -8.41 2.91
C SER A 197 -0.62 -9.78 3.52
N ARG A 198 -0.25 -9.90 4.80
CA ARG A 198 -0.33 -11.17 5.51
C ARG A 198 -0.85 -10.94 6.92
N ASP A 199 -1.47 -11.98 7.47
CA ASP A 199 -2.00 -11.95 8.83
C ASP A 199 -0.92 -12.41 9.80
N VAL A 200 -0.86 -11.75 10.96
CA VAL A 200 0.14 -12.06 11.98
C VAL A 200 -0.46 -12.01 13.37
N PTR A 201 -1.61 -12.65 13.55
CA PTR A 201 -2.30 -12.64 14.83
C PTR A 201 -1.63 -13.56 15.85
O PTR A 201 -1.54 -13.24 17.03
CB PTR A 201 -3.76 -13.06 14.65
CG PTR A 201 -4.54 -13.18 15.94
CD1 PTR A 201 -4.68 -14.42 16.58
CD2 PTR A 201 -5.14 -12.08 16.52
CE1 PTR A 201 -5.39 -14.54 17.76
CE2 PTR A 201 -5.85 -12.19 17.71
CZ PTR A 201 -5.96 -13.42 18.32
OH PTR A 201 -6.64 -13.53 19.43
P PTR A 201 -5.99 -13.08 20.83
O1P PTR A 201 -6.18 -14.17 21.81
O2P PTR A 201 -4.48 -12.82 20.64
O3P PTR A 201 -6.68 -11.80 21.34
HA PTR A 201 -2.29 -11.73 15.20
HB2 PTR A 201 -3.78 -13.92 14.21
HB3 PTR A 201 -4.21 -12.40 14.11
HD1 PTR A 201 -4.29 -15.17 16.20
HD2 PTR A 201 -5.06 -11.25 16.12
HE1 PTR A 201 -5.47 -15.36 18.18
HE2 PTR A 201 -6.24 -11.44 18.09
N GLU A 202 -1.14 -14.70 15.37
CA GLU A 202 -0.56 -15.71 16.24
C GLU A 202 0.87 -15.35 16.68
N GLU A 203 1.76 -15.23 15.70
CA GLU A 203 3.19 -15.06 15.97
C GLU A 203 3.63 -13.61 16.06
N ASP A 204 2.79 -12.67 15.61
CA ASP A 204 3.17 -11.26 15.53
C ASP A 204 4.25 -11.01 14.49
N SER A 205 4.48 -11.98 13.60
CA SER A 205 5.45 -11.83 12.53
C SER A 205 5.15 -12.81 11.41
N PTR A 206 5.52 -12.44 10.19
CA PTR A 206 5.36 -13.31 9.03
C PTR A 206 6.72 -13.58 8.41
O PTR A 206 7.46 -12.66 8.08
CB PTR A 206 4.42 -12.67 8.00
CG PTR A 206 4.44 -13.36 6.65
CD1 PTR A 206 5.23 -12.86 5.62
CD2 PTR A 206 3.69 -14.50 6.41
CE1 PTR A 206 5.27 -13.47 4.38
CE2 PTR A 206 3.72 -15.13 5.18
CZ PTR A 206 4.51 -14.61 4.17
OH PTR A 206 4.56 -15.17 2.99
P PTR A 206 3.79 -16.54 2.63
O1P PTR A 206 3.99 -16.86 1.14
O2P PTR A 206 2.29 -16.39 2.93
O3P PTR A 206 4.36 -17.63 3.46
HA PTR A 206 4.94 -14.16 9.29
HB2 PTR A 206 4.67 -11.75 7.88
HB3 PTR A 206 3.51 -12.72 8.33
HD1 PTR A 206 5.74 -12.09 5.76
HD2 PTR A 206 3.16 -14.84 7.09
HE1 PTR A 206 5.79 -13.13 3.70
HE2 PTR A 206 3.21 -15.89 5.03
N VAL A 207 7.04 -14.86 8.25
CA VAL A 207 8.35 -15.28 7.77
C VAL A 207 8.22 -16.00 6.44
N LYS A 208 9.01 -15.57 5.46
CA LYS A 208 8.99 -16.12 4.11
C LYS A 208 10.28 -16.89 3.86
N ARG A 209 10.17 -18.19 3.62
CA ARG A 209 11.36 -19.00 3.37
C ARG A 209 12.02 -18.62 2.05
N SER A 210 11.21 -18.40 1.00
CA SER A 210 11.74 -18.06 -0.30
C SER A 210 12.03 -16.56 -0.38
N GLN A 211 12.61 -16.13 -1.51
CA GLN A 211 12.94 -14.73 -1.72
C GLN A 211 11.67 -13.94 -2.03
N GLY A 212 11.55 -12.76 -1.41
CA GLY A 212 10.35 -11.97 -1.53
C GLY A 212 10.27 -11.21 -2.84
N ARG A 213 9.16 -10.48 -3.01
CA ARG A 213 8.87 -9.75 -4.24
C ARG A 213 8.56 -8.29 -3.94
N ILE A 214 9.17 -7.74 -2.89
CA ILE A 214 9.03 -6.33 -2.54
C ILE A 214 10.30 -5.62 -2.99
N PRO A 215 10.22 -4.41 -3.55
CA PRO A 215 11.44 -3.71 -3.94
C PRO A 215 12.42 -3.59 -2.78
N VAL A 216 13.70 -3.84 -3.07
CA VAL A 216 14.72 -3.86 -2.03
C VAL A 216 14.77 -2.52 -1.31
N LYS A 217 14.72 -1.41 -2.06
CA LYS A 217 14.97 -0.07 -1.52
C LYS A 217 13.90 0.36 -0.53
N TRP A 218 12.86 -0.44 -0.34
CA TRP A 218 11.83 -0.15 0.64
C TRP A 218 11.80 -1.15 1.80
N MET A 219 12.67 -2.15 1.80
CA MET A 219 12.63 -3.22 2.79
C MET A 219 13.48 -2.90 4.01
N ALA A 220 13.00 -3.35 5.18
CA ALA A 220 13.78 -3.21 6.39
C ALA A 220 14.98 -4.15 6.38
N ILE A 221 15.99 -3.82 7.17
CA ILE A 221 17.23 -4.58 7.14
C ILE A 221 17.00 -6.02 7.56
N GLU A 222 16.20 -6.24 8.62
CA GLU A 222 15.93 -7.62 9.04
C GLU A 222 15.06 -8.35 8.01
N SER A 223 14.14 -7.64 7.34
CA SER A 223 13.37 -8.26 6.28
C SER A 223 14.28 -8.68 5.12
N LEU A 224 15.30 -7.87 4.84
CA LEU A 224 16.20 -8.14 3.72
C LEU A 224 17.16 -9.28 4.01
N PHE A 225 17.58 -9.43 5.26
CA PHE A 225 18.56 -10.44 5.65
C PHE A 225 17.94 -11.70 6.24
N ASP A 226 16.93 -11.56 7.10
CA ASP A 226 16.34 -12.68 7.81
C ASP A 226 14.95 -13.05 7.31
N HIS A 227 14.40 -12.32 6.35
CA HIS A 227 13.09 -12.61 5.79
C HIS A 227 12.00 -12.56 6.85
N ILE A 228 12.14 -11.63 7.80
CA ILE A 228 11.18 -11.44 8.89
C ILE A 228 10.41 -10.16 8.62
N TYR A 229 9.08 -10.24 8.70
CA TYR A 229 8.20 -9.12 8.43
C TYR A 229 7.26 -8.91 9.62
N THR A 230 7.33 -7.73 10.24
CA THR A 230 6.48 -7.41 11.38
C THR A 230 5.85 -6.03 11.20
N THR A 231 5.21 -5.53 12.25
CA THR A 231 4.68 -4.17 12.21
C THR A 231 5.78 -3.13 12.27
N GLN A 232 6.96 -3.49 12.78
CA GLN A 232 8.10 -2.57 12.79
C GLN A 232 8.82 -2.51 11.46
N SER A 233 8.71 -3.57 10.64
CA SER A 233 9.24 -3.50 9.28
C SER A 233 8.48 -2.47 8.45
N ASP A 234 7.18 -2.35 8.67
CA ASP A 234 6.41 -1.34 7.96
C ASP A 234 6.83 0.07 8.35
N VAL A 235 7.25 0.26 9.61
CA VAL A 235 7.74 1.56 10.04
C VAL A 235 8.95 1.97 9.21
N TRP A 236 9.86 1.03 8.96
CA TRP A 236 10.97 1.30 8.06
C TRP A 236 10.47 1.80 6.71
N SER A 237 9.55 1.05 6.09
CA SER A 237 9.00 1.44 4.81
C SER A 237 8.29 2.79 4.89
N PHE A 238 7.67 3.10 6.04
CA PHE A 238 7.01 4.39 6.18
C PHE A 238 8.01 5.53 6.20
N GLY A 239 9.24 5.27 6.66
CA GLY A 239 10.27 6.30 6.62
C GLY A 239 10.74 6.58 5.21
N VAL A 240 10.83 5.54 4.38
CA VAL A 240 11.15 5.73 2.97
C VAL A 240 10.01 6.45 2.25
N LEU A 241 8.76 6.14 2.64
CA LEU A 241 7.62 6.84 2.06
C LEU A 241 7.66 8.32 2.42
N LEU A 242 8.07 8.65 3.64
CA LEU A 242 8.22 10.06 4.01
C LEU A 242 9.28 10.73 3.16
N TRP A 243 10.36 10.01 2.84
CA TRP A 243 11.39 10.57 1.98
C TRP A 243 10.85 10.83 0.58
N GLU A 244 10.01 9.94 0.07
CA GLU A 244 9.40 10.15 -1.24
C GLU A 244 8.51 11.40 -1.24
N ILE A 245 7.83 11.65 -0.13
CA ILE A 245 6.87 12.76 -0.07
C ILE A 245 7.61 14.10 -0.03
N VAL A 246 8.62 14.21 0.83
CA VAL A 246 9.32 15.48 0.95
C VAL A 246 10.09 15.81 -0.33
N THR A 247 10.50 14.80 -1.08
CA THR A 247 11.17 15.00 -2.36
C THR A 247 10.20 15.00 -3.54
N LEU A 248 8.90 15.02 -3.28
CA LEU A 248 7.87 15.09 -4.32
C LEU A 248 8.08 14.01 -5.38
N GLY A 249 8.04 12.76 -4.94
CA GLY A 249 8.13 11.64 -5.85
C GLY A 249 9.53 11.26 -6.24
N GLY A 250 10.51 11.51 -5.39
CA GLY A 250 11.87 11.14 -5.69
C GLY A 250 12.10 9.64 -5.53
N ASN A 251 13.17 9.17 -6.17
CA ASN A 251 13.54 7.76 -6.10
C ASN A 251 14.54 7.53 -4.98
N PRO A 252 14.29 6.61 -4.05
CA PRO A 252 15.21 6.44 -2.92
C PRO A 252 16.58 5.94 -3.36
N TYR A 253 17.56 6.19 -2.49
CA TYR A 253 18.96 5.82 -2.70
C TYR A 253 19.36 6.09 -4.16
N PRO A 254 19.22 7.32 -4.63
CA PRO A 254 19.49 7.59 -6.05
C PRO A 254 20.93 7.30 -6.41
N GLY A 255 21.11 6.62 -7.55
CA GLY A 255 22.44 6.31 -8.04
C GLY A 255 23.14 5.21 -7.29
N ILE A 256 22.40 4.25 -6.74
CA ILE A 256 22.96 3.15 -5.97
C ILE A 256 22.32 1.85 -6.45
N PRO A 257 23.07 0.92 -7.02
CA PRO A 257 22.48 -0.35 -7.44
C PRO A 257 21.82 -1.06 -6.28
N PRO A 258 20.65 -1.68 -6.50
CA PRO A 258 19.97 -2.34 -5.37
C PRO A 258 20.79 -3.44 -4.73
N GLU A 259 21.71 -4.05 -5.46
CA GLU A 259 22.53 -5.12 -4.90
C GLU A 259 23.59 -4.61 -3.93
N ARG A 260 23.83 -3.30 -3.89
CA ARG A 260 24.80 -2.73 -2.96
C ARG A 260 24.20 -2.36 -1.61
N LEU A 261 22.88 -2.27 -1.51
CA LEU A 261 22.25 -1.89 -0.25
C LEU A 261 22.58 -2.86 0.88
N PHE A 262 22.93 -4.10 0.56
CA PHE A 262 23.27 -5.06 1.60
C PHE A 262 24.45 -4.56 2.45
N ASN A 263 25.57 -4.24 1.79
CA ASN A 263 26.75 -3.81 2.53
C ASN A 263 26.60 -2.38 3.05
N LEU A 264 25.78 -1.55 2.38
CA LEU A 264 25.61 -0.18 2.83
C LEU A 264 24.75 -0.09 4.08
N LEU A 265 23.66 -0.86 4.14
CA LEU A 265 22.75 -0.78 5.29
C LEU A 265 23.42 -1.35 6.54
N LYS A 266 24.01 -2.53 6.45
CA LYS A 266 24.59 -3.15 7.64
C LYS A 266 25.75 -2.34 8.18
N THR A 267 26.46 -1.61 7.32
CA THR A 267 27.52 -0.73 7.78
C THR A 267 27.01 0.52 8.49
N GLY A 268 25.69 0.77 8.45
CA GLY A 268 25.10 1.86 9.18
C GLY A 268 24.80 3.10 8.37
N HIS A 269 24.87 3.04 7.05
CA HIS A 269 24.63 4.21 6.20
C HIS A 269 23.16 4.30 5.85
N ARG A 270 22.65 5.53 5.80
CA ARG A 270 21.27 5.82 5.45
C ARG A 270 21.25 6.96 4.43
N MET A 271 20.06 7.26 3.91
CA MET A 271 19.91 8.37 2.99
C MET A 271 20.22 9.69 3.69
N GLU A 272 20.82 10.62 2.94
CA GLU A 272 21.22 11.89 3.49
C GLU A 272 20.04 12.84 3.61
N ARG A 273 20.28 13.96 4.28
CA ARG A 273 19.29 15.03 4.47
C ARG A 273 18.78 15.52 3.12
N PRO A 274 17.50 15.28 2.78
CA PRO A 274 16.97 15.84 1.53
C PRO A 274 16.65 17.32 1.68
N ASP A 275 16.98 18.09 0.64
CA ASP A 275 16.68 19.51 0.65
C ASP A 275 15.17 19.73 0.81
N ASN A 276 14.82 20.90 1.36
CA ASN A 276 13.44 21.23 1.66
C ASN A 276 12.86 20.30 2.73
N CYS A 277 13.67 20.01 3.74
CA CYS A 277 13.27 19.12 4.84
C CYS A 277 13.74 19.71 6.16
N SER A 278 12.91 19.58 7.18
CA SER A 278 13.23 20.10 8.50
C SER A 278 14.03 19.08 9.30
N GLU A 279 14.82 19.59 10.26
CA GLU A 279 15.61 18.70 11.10
C GLU A 279 14.73 17.74 11.87
N GLU A 280 13.50 18.14 12.21
CA GLU A 280 12.59 17.25 12.90
C GLU A 280 12.01 16.20 11.96
N MET A 281 11.71 16.59 10.71
CA MET A 281 11.23 15.61 9.74
C MET A 281 12.32 14.58 9.42
N TYR A 282 13.57 15.04 9.28
CA TYR A 282 14.66 14.12 8.99
C TYR A 282 14.97 13.23 10.20
N ARG A 283 14.84 13.78 11.41
CA ARG A 283 15.06 12.98 12.61
C ARG A 283 14.00 11.89 12.75
N LEU A 284 12.76 12.20 12.37
CA LEU A 284 11.71 11.19 12.38
C LEU A 284 12.05 10.06 11.42
N MET A 285 12.56 10.41 10.23
CA MET A 285 12.97 9.38 9.28
C MET A 285 14.07 8.49 9.87
N LEU A 286 15.12 9.10 10.43
CA LEU A 286 16.23 8.32 10.96
C LEU A 286 15.75 7.32 12.00
N GLN A 287 14.75 7.70 12.81
CA GLN A 287 14.28 6.78 13.84
C GLN A 287 13.56 5.58 13.23
N CYS A 288 12.86 5.78 12.11
CA CYS A 288 12.24 4.68 11.40
C CYS A 288 13.26 3.72 10.80
N TRP A 289 14.54 4.12 10.73
CA TRP A 289 15.58 3.32 10.09
C TRP A 289 16.57 2.75 11.10
N LYS A 290 16.22 2.74 12.38
CA LYS A 290 17.10 2.14 13.37
C LYS A 290 17.24 0.64 13.13
N GLN A 291 18.45 0.13 13.31
CA GLN A 291 18.69 -1.29 13.06
C GLN A 291 17.82 -2.15 13.96
N GLU A 292 17.76 -1.83 15.24
CA GLU A 292 16.97 -2.63 16.19
C GLU A 292 15.49 -2.30 16.01
N PRO A 293 14.66 -3.26 15.60
CA PRO A 293 13.23 -2.94 15.39
C PRO A 293 12.56 -2.37 16.62
N ASP A 294 12.88 -2.87 17.80
CA ASP A 294 12.24 -2.39 19.02
C ASP A 294 12.57 -0.93 19.30
N LYS A 295 13.70 -0.43 18.80
CA LYS A 295 14.04 0.98 18.97
C LYS A 295 13.25 1.88 18.04
N ARG A 296 12.73 1.35 16.94
CA ARG A 296 11.93 2.17 16.04
C ARG A 296 10.59 2.52 16.69
N PRO A 297 10.00 3.65 16.33
CA PRO A 297 8.73 4.05 16.93
C PRO A 297 7.57 3.25 16.36
N VAL A 298 6.42 3.39 17.02
CA VAL A 298 5.18 2.78 16.56
C VAL A 298 4.34 3.84 15.87
N PHE A 299 3.33 3.40 15.12
CA PHE A 299 2.53 4.33 14.35
C PHE A 299 1.79 5.32 15.25
N ALA A 300 1.36 4.89 16.44
CA ALA A 300 0.67 5.80 17.34
C ALA A 300 1.54 6.99 17.69
N ASP A 301 2.85 6.78 17.85
CA ASP A 301 3.75 7.89 18.15
C ASP A 301 4.14 8.67 16.90
N ILE A 302 4.24 8.00 15.75
CA ILE A 302 4.54 8.71 14.51
C ILE A 302 3.47 9.74 14.21
N SER A 303 2.22 9.48 14.62
CA SER A 303 1.15 10.45 14.40
C SER A 303 1.33 11.67 15.29
N LYS A 304 1.60 11.45 16.59
CA LYS A 304 1.78 12.58 17.49
C LYS A 304 2.91 13.49 17.02
N ASP A 305 4.00 12.90 16.48
CA ASP A 305 5.09 13.71 15.97
C ASP A 305 4.63 14.57 14.80
N LEU A 306 4.01 13.94 13.79
CA LEU A 306 3.50 14.70 12.65
C LEU A 306 2.45 15.72 13.10
N GLU A 307 1.62 15.35 14.08
CA GLU A 307 0.57 16.26 14.55
C GLU A 307 1.17 17.57 15.04
N LYS A 308 2.16 17.49 15.93
CA LYS A 308 2.75 18.70 16.49
C LYS A 308 3.63 19.45 15.49
N MET A 309 4.10 18.78 14.44
CA MET A 309 4.88 19.46 13.42
C MET A 309 4.05 20.42 12.60
N MET A 310 2.72 20.27 12.61
CA MET A 310 1.83 21.12 11.85
C MET A 310 1.22 22.24 12.68
N VAL A 311 0.97 22.00 13.97
CA VAL A 311 0.41 23.03 14.82
C VAL A 311 1.42 24.12 15.14
N LYS A 312 2.71 23.82 15.02
CA LYS A 312 3.75 24.79 15.33
C LYS A 312 4.04 25.71 14.15
N ARG A 313 3.93 25.21 12.92
CA ARG A 313 4.24 26.00 11.73
C ARG A 313 3.16 27.02 11.39
N ARG A 314 2.14 27.16 12.22
CA ARG A 314 1.08 28.13 11.96
C ARG A 314 1.42 29.48 12.59
C11 VJH B . -3.10 3.31 -11.09
C12 VJH B . -2.87 2.06 -11.65
C13 VJH B . -2.51 1.00 -10.84
C15 VJH B . -1.98 0.02 -8.58
C16 VJH B . -0.49 -0.28 -8.69
C18 VJH B . 1.43 -1.91 -8.34
C19 VJH B . 2.14 -1.70 -9.51
C22 VJH B . 3.40 -2.77 -7.29
C26 VJH B . -2.61 2.44 -8.92
C29 VJH B . -5.62 7.28 -12.03
C30 VJH B . -5.54 8.62 -12.77
C31 VJH B . -6.54 9.51 -13.05
C33 VJH B . -6.72 11.68 -14.20
C34 VJH B . -5.79 12.86 -14.48
C36 VJH B . -4.35 13.75 -16.16
C37 VJH B . -6.70 13.80 -16.48
N35 VJH B . -5.60 13.04 -15.92
C01 VJH B . -6.82 0.40 -8.25
C02 VJH B . -7.32 1.84 -8.33
C05 VJH B . -7.65 3.96 -8.95
C07 VJH B . -6.57 5.67 -10.55
C09 VJH B . -4.59 5.26 -11.65
C14 VJH B . -2.38 1.19 -9.48
C20 VJH B . 3.48 -2.02 -9.56
C21 VJH B . 4.12 -2.55 -8.46
C24 VJH B . 2.06 -2.45 -7.23
C27 VJH B . -2.97 3.50 -9.73
C39 VJH B . -4.37 9.13 -13.29
C40 VJH B . -6.64 6.92 -11.16
C41 VJH B . -6.95 2.82 -9.25
F23 VJH B . 4.02 -3.30 -6.19
N03 VJH B . -8.21 2.38 -7.51
N04 VJH B . -8.40 3.68 -7.91
N06 VJH B . -7.61 5.26 -9.62
N08 VJH B . -5.53 4.87 -10.81
N10 VJH B . -3.47 4.41 -11.95
N17 VJH B . 0.01 -1.58 -8.26
N28 VJH B . -4.64 6.44 -12.23
N32 VJH B . -6.01 10.51 -13.71
N38 VJH B . -4.66 10.30 -13.87
O25 VJH B . 0.26 0.53 -9.11
H121 VJH B . -2.97 1.92 -12.72
H131 VJH B . -2.33 0.02 -11.27
H152 VJH B . -2.23 0.25 -7.55
H151 VJH B . -2.54 -0.86 -8.89
H191 VJH B . 1.64 -1.29 -10.37
H261 VJH B . -2.50 2.59 -7.85
H311 VJH B . -7.60 9.40 -12.78
H332 VJH B . -7.46 11.98 -13.46
H331 VJH B . -7.24 11.41 -15.12
H341 VJH B . -6.22 13.76 -14.07
H342 VJH B . -4.83 12.67 -14.02
H362 VJH B . -4.38 14.20 -17.15
H363 VJH B . -3.52 13.04 -16.11
H361 VJH B . -4.22 14.52 -15.40
H372 VJH B . -6.58 13.87 -17.55
H371 VJH B . -6.69 14.80 -16.05
H373 VJH B . -7.64 13.31 -16.24
H013 VJH B . -5.92 0.29 -8.86
H012 VJH B . -7.59 -0.27 -8.61
H011 VJH B . -6.58 0.16 -7.21
H201 VJH B . 4.04 -1.86 -10.48
H211 VJH B . 5.17 -2.81 -8.50
H241 VJH B . 1.50 -2.62 -6.31
H271 VJH B . -3.14 4.48 -9.31
H391 VJH B . -3.40 8.68 -13.24
H401 VJH B . -7.46 7.60 -10.95
H411 VJH B . -6.24 2.69 -10.07
H041 VJH B . -9.01 4.32 -7.47
H061 VJH B . -8.36 5.90 -9.44
H101 VJH B . -2.94 4.58 -12.78
H171 VJH B . -0.63 -2.26 -7.90
C FMT C . 16.25 -0.04 2.17
O1 FMT C . 15.46 0.85 2.52
O2 FMT C . 15.91 -1.21 2.07
H FMT C . 17.29 0.21 1.95
HO2 FMT C . 14.99 -1.48 2.28
C FMT D . -1.34 -26.11 -6.18
O1 FMT D . -1.23 -25.08 -5.51
O2 FMT D . -2.38 -26.37 -6.80
H FMT D . -0.52 -26.81 -6.25
HO2 FMT D . -3.10 -25.72 -6.85
C FMT E . 13.14 -11.64 1.45
O1 FMT E . 12.33 -12.57 1.34
O2 FMT E . 13.90 -11.34 0.54
H FMT E . 13.21 -11.08 2.38
HO2 FMT E . 13.89 -11.85 -0.30
#